data_3BFM
#
_entry.id   3BFM
#
_cell.length_a   86.760
_cell.length_b   36.560
_cell.length_c   71.000
_cell.angle_alpha   90.000
_cell.angle_beta   99.280
_cell.angle_gamma   90.000
#
_symmetry.space_group_name_H-M   'C 1 2 1'
#
loop_
_entity.id
_entity.type
_entity.pdbx_description
1 polymer 'Biotin protein ligase-like protein of unknown function'
2 non-polymer 'CALCIUM ION'
3 non-polymer 'NONAETHYLENE GLYCOL'
4 water water
#
_entity_poly.entity_id   1
_entity_poly.type   'polypeptide(L)'
_entity_poly.pdbx_seq_one_letter_code
;G(MSE)SETITFPPL(MSE)TGEAAGPGQDPFDLACQKAELGVDAGLVVYELGTDVLRAALVLAPEVPLAKA(MSE)A
(MSE)LPVCGVGFQNALGALAPPEVAVHLDWNGALRINGARCGRLRIAASTDDPDTQPDWLVVGLDLPLWPEGDGGETPD
ETALYAEGCADVAAPRLLESWARHCLHWINRWDEGELETIHGEWRGLAHG(MSE)GEARTEAGRSGTFLGVDEDFG
(MSE)LLRDETTTHLIPLTTVLVQD
;
_entity_poly.pdbx_strand_id   A
#
loop_
_chem_comp.id
_chem_comp.type
_chem_comp.name
_chem_comp.formula
2PE non-polymer 'NONAETHYLENE GLYCOL' 'C18 H38 O10'
CA non-polymer 'CALCIUM ION' 'Ca 2'
#
# COMPACT_ATOMS: atom_id res chain seq x y z
N THR A 5 -4.74 -5.93 22.76
CA THR A 5 -4.82 -4.44 22.63
C THR A 5 -3.90 -3.91 21.54
N ILE A 6 -4.48 -3.18 20.60
CA ILE A 6 -3.72 -2.64 19.47
C ILE A 6 -3.44 -1.17 19.75
N THR A 7 -2.16 -0.85 19.90
CA THR A 7 -1.73 0.49 20.27
C THR A 7 -1.15 1.19 19.07
N PHE A 8 -1.66 2.38 18.74
CA PHE A 8 -1.21 3.18 17.62
C PHE A 8 -0.51 4.39 18.16
N PRO A 9 0.32 5.04 17.33
CA PRO A 9 0.94 6.31 17.72
C PRO A 9 -0.08 7.36 18.16
N PRO A 10 0.36 8.36 18.95
CA PRO A 10 -0.56 9.43 19.33
C PRO A 10 -1.19 10.04 18.11
N LEU A 11 -2.48 10.31 18.18
CA LEU A 11 -3.23 10.91 17.07
C LEU A 11 -3.52 9.94 15.92
N MSE A 12 -3.22 8.66 16.10
CA MSE A 12 -3.85 7.65 15.26
C MSE A 12 -4.93 6.99 16.10
O MSE A 12 -4.78 6.87 17.31
CB MSE A 12 -2.85 6.68 14.68
CG MSE A 12 -2.29 7.12 13.34
SE MSE A 12 -0.67 6.21 12.79
CE MSE A 12 -0.92 6.22 10.89
N THR A 13 -6.04 6.65 15.45
CA THR A 13 -7.21 6.15 16.12
C THR A 13 -7.51 4.83 15.48
N GLY A 14 -7.47 3.74 16.25
CA GLY A 14 -7.86 2.45 15.73
C GLY A 14 -9.34 2.18 15.85
N GLU A 15 -9.94 1.60 14.81
CA GLU A 15 -11.32 1.22 14.82
C GLU A 15 -11.44 -0.17 14.18
N ALA A 16 -11.90 -1.16 14.95
CA ALA A 16 -12.13 -2.48 14.40
C ALA A 16 -13.40 -2.46 13.56
N ALA A 17 -13.33 -3.11 12.40
CA ALA A 17 -14.50 -3.24 11.50
C ALA A 17 -15.55 -4.15 12.13
N GLY A 18 -16.79 -3.71 12.06
CA GLY A 18 -17.95 -4.45 12.54
C GLY A 18 -18.64 -5.24 11.45
N PRO A 19 -19.75 -5.89 11.83
CA PRO A 19 -20.57 -6.65 10.87
C PRO A 19 -20.95 -5.84 9.62
N GLY A 20 -20.74 -6.42 8.44
CA GLY A 20 -21.08 -5.77 7.22
C GLY A 20 -20.03 -4.77 6.73
N GLN A 21 -19.00 -4.53 7.54
CA GLN A 21 -17.94 -3.57 7.24
C GLN A 21 -16.60 -4.28 6.92
N ASP A 22 -15.87 -3.76 5.91
CA ASP A 22 -14.47 -4.14 5.70
C ASP A 22 -13.63 -2.86 5.74
N PRO A 23 -12.38 -2.96 6.20
CA PRO A 23 -11.57 -1.75 6.44
C PRO A 23 -11.44 -0.73 5.29
N PHE A 24 -11.08 -1.18 4.09
CA PHE A 24 -10.79 -0.23 3.01
C PHE A 24 -12.11 0.48 2.66
N ASP A 25 -13.18 -0.29 2.42
CA ASP A 25 -14.50 0.29 2.15
C ASP A 25 -14.97 1.24 3.24
N LEU A 26 -14.89 0.78 4.49
CA LEU A 26 -15.34 1.58 5.63
C LEU A 26 -14.54 2.86 5.80
N ALA A 27 -13.22 2.75 5.70
CA ALA A 27 -12.40 3.96 5.78
C ALA A 27 -12.78 4.99 4.72
N CYS A 28 -13.02 4.54 3.50
CA CYS A 28 -13.47 5.43 2.42
C CYS A 28 -14.82 6.02 2.69
N GLN A 29 -15.73 5.22 3.23
CA GLN A 29 -17.07 5.69 3.60
CA GLN A 29 -17.05 5.73 3.56
C GLN A 29 -16.97 6.75 4.68
N LYS A 30 -16.19 6.46 5.73
CA LYS A 30 -16.02 7.43 6.80
C LYS A 30 -15.33 8.72 6.32
N ALA A 31 -14.38 8.57 5.40
CA ALA A 31 -13.64 9.71 4.89
C ALA A 31 -14.63 10.64 4.17
N GLU A 32 -15.48 10.05 3.34
CA GLU A 32 -16.48 10.86 2.60
C GLU A 32 -17.50 11.54 3.55
N LEU A 33 -17.79 10.90 4.67
CA LEU A 33 -18.57 11.50 5.77
C LEU A 33 -17.85 12.57 6.57
N GLY A 34 -16.57 12.79 6.32
CA GLY A 34 -15.85 13.85 7.00
C GLY A 34 -14.94 13.44 8.13
N VAL A 35 -14.72 12.13 8.34
CA VAL A 35 -13.80 11.71 9.39
CA VAL A 35 -13.77 11.70 9.38
C VAL A 35 -12.40 12.13 8.94
N ASP A 36 -11.63 12.65 9.89
CA ASP A 36 -10.34 13.24 9.55
C ASP A 36 -9.24 12.17 9.46
N ALA A 37 -8.07 12.65 9.04
CA ALA A 37 -6.88 11.85 8.94
C ALA A 37 -6.54 11.21 10.28
N GLY A 38 -5.90 10.05 10.22
CA GLY A 38 -5.38 9.41 11.41
C GLY A 38 -6.18 8.20 11.82
N LEU A 39 -7.39 8.06 11.28
CA LEU A 39 -8.14 6.82 11.46
C LEU A 39 -7.46 5.64 10.80
N VAL A 40 -7.36 4.56 11.55
CA VAL A 40 -6.89 3.26 11.11
C VAL A 40 -8.01 2.26 11.36
N VAL A 41 -8.68 1.85 10.30
CA VAL A 41 -9.71 0.82 10.39
C VAL A 41 -9.04 -0.52 10.14
N TYR A 42 -9.33 -1.52 10.95
CA TYR A 42 -8.70 -2.80 10.78
C TYR A 42 -9.66 -3.95 11.02
N GLU A 43 -9.29 -5.12 10.53
CA GLU A 43 -10.08 -6.33 10.69
C GLU A 43 -9.10 -7.47 10.65
N LEU A 44 -8.98 -8.18 11.78
CA LEU A 44 -8.06 -9.30 11.92
CA LEU A 44 -8.07 -9.30 11.91
C LEU A 44 -8.84 -10.62 12.00
N GLY A 45 -8.44 -11.58 11.17
CA GLY A 45 -8.88 -12.96 11.30
C GLY A 45 -7.67 -13.82 11.50
N THR A 46 -7.87 -15.12 11.66
CA THR A 46 -6.77 -16.02 11.79
C THR A 46 -6.03 -16.14 10.43
N ASP A 47 -6.75 -15.93 9.32
CA ASP A 47 -6.19 -16.19 7.98
C ASP A 47 -5.85 -14.94 7.16
N VAL A 48 -6.24 -13.77 7.65
CA VAL A 48 -6.06 -12.54 6.87
C VAL A 48 -5.96 -11.35 7.80
N LEU A 49 -5.17 -10.38 7.36
CA LEU A 49 -5.10 -9.06 8.01
CA LEU A 49 -5.09 -9.06 8.01
C LEU A 49 -5.55 -7.98 7.04
N ARG A 50 -6.50 -7.14 7.44
CA ARG A 50 -6.87 -6.01 6.60
C ARG A 50 -6.80 -4.77 7.44
N ALA A 51 -6.37 -3.66 6.82
CA ALA A 51 -6.34 -2.41 7.49
C ALA A 51 -6.37 -1.30 6.49
N ALA A 52 -6.77 -0.12 6.94
CA ALA A 52 -6.85 1.04 6.01
C ALA A 52 -6.60 2.29 6.84
N LEU A 53 -5.86 3.22 6.23
CA LEU A 53 -5.50 4.52 6.81
CA LEU A 53 -5.51 4.50 6.82
C LEU A 53 -6.16 5.65 6.04
N VAL A 54 -6.78 6.58 6.78
CA VAL A 54 -7.32 7.82 6.19
C VAL A 54 -6.26 8.91 6.33
N LEU A 55 -5.96 9.52 5.19
CA LEU A 55 -4.97 10.59 5.05
C LEU A 55 -5.61 11.82 4.36
N ALA A 56 -4.98 12.97 4.54
CA ALA A 56 -5.40 14.19 3.85
C ALA A 56 -4.21 15.10 3.53
N PRO A 57 -3.35 14.69 2.59
CA PRO A 57 -2.21 15.53 2.21
C PRO A 57 -2.66 16.74 1.39
N GLU A 58 -2.14 17.91 1.71
CA GLU A 58 -2.63 19.11 1.07
C GLU A 58 -1.76 19.41 -0.16
N VAL A 59 -1.93 18.57 -1.17
CA VAL A 59 -1.25 18.69 -2.44
C VAL A 59 -2.20 18.19 -3.52
N PRO A 60 -1.90 18.48 -4.78
CA PRO A 60 -2.76 17.91 -5.82
C PRO A 60 -2.70 16.39 -5.88
N LEU A 61 -3.74 15.77 -6.41
CA LEU A 61 -3.83 14.30 -6.49
C LEU A 61 -2.60 13.68 -7.11
N ALA A 62 -2.11 14.28 -8.19
CA ALA A 62 -0.89 13.83 -8.86
C ALA A 62 0.25 13.49 -7.89
N LYS A 63 0.45 14.40 -6.95
CA LYS A 63 1.48 14.30 -5.91
C LYS A 63 1.07 13.48 -4.69
N ALA A 64 -0.24 13.39 -4.44
CA ALA A 64 -0.74 12.67 -3.27
C ALA A 64 -0.64 11.16 -3.46
N MSE A 65 -0.60 10.73 -4.74
CA MSE A 65 -0.38 9.32 -5.08
C MSE A 65 0.88 8.70 -4.44
O MSE A 65 0.93 7.48 -4.30
CB MSE A 65 -0.30 9.15 -6.59
CG MSE A 65 -1.53 9.52 -7.35
SE MSE A 65 -3.21 8.72 -6.58
CE MSE A 65 -2.85 6.95 -6.84
N ALA A 66 1.88 9.52 -4.08
CA ALA A 66 3.08 9.06 -3.37
C ALA A 66 2.73 8.34 -2.06
N MSE A 67 1.49 8.51 -1.58
CA MSE A 67 1.12 7.81 -0.36
C MSE A 67 1.16 6.28 -0.54
O MSE A 67 1.39 5.54 0.42
CB MSE A 67 -0.28 8.26 0.13
CG MSE A 67 -0.34 9.74 0.58
SE MSE A 67 0.79 10.09 2.11
CE MSE A 67 2.34 10.86 1.00
N LEU A 68 0.89 5.81 -1.77
CA LEU A 68 1.00 4.35 -2.03
C LEU A 68 2.43 3.81 -1.82
N PRO A 69 3.43 4.32 -2.60
CA PRO A 69 4.81 3.90 -2.29
C PRO A 69 5.29 4.13 -0.88
N VAL A 70 4.93 5.27 -0.31
CA VAL A 70 5.22 5.55 1.08
C VAL A 70 4.72 4.46 2.01
N CYS A 71 3.46 4.04 1.87
CA CYS A 71 2.92 3.01 2.76
C CYS A 71 3.45 1.61 2.42
N GLY A 72 3.93 1.42 1.19
CA GLY A 72 4.65 0.22 0.83
C GLY A 72 5.97 0.12 1.52
N VAL A 73 6.72 1.21 1.56
CA VAL A 73 7.98 1.27 2.30
C VAL A 73 7.71 1.04 3.78
N GLY A 74 6.65 1.69 4.27
CA GLY A 74 6.21 1.46 5.64
C GLY A 74 6.01 -0.03 5.96
N PHE A 75 5.33 -0.73 5.06
CA PHE A 75 5.10 -2.17 5.21
C PHE A 75 6.36 -3.02 5.16
N GLN A 76 7.22 -2.77 4.17
CA GLN A 76 8.49 -3.49 4.10
C GLN A 76 9.30 -3.29 5.41
N ASN A 77 9.34 -2.06 5.93
CA ASN A 77 10.09 -1.78 7.15
C ASN A 77 9.45 -2.48 8.35
N ALA A 78 8.13 -2.45 8.39
CA ALA A 78 7.34 -3.06 9.46
C ALA A 78 7.56 -4.56 9.47
N LEU A 79 7.42 -5.22 8.33
CA LEU A 79 7.66 -6.68 8.30
C LEU A 79 9.14 -7.03 8.64
N GLY A 80 10.10 -6.30 8.07
CA GLY A 80 11.52 -6.50 8.38
C GLY A 80 11.90 -6.38 9.85
N ALA A 81 11.22 -5.51 10.56
CA ALA A 81 11.40 -5.41 12.01
C ALA A 81 10.93 -6.64 12.82
N LEU A 82 10.06 -7.48 12.23
CA LEU A 82 9.41 -8.59 12.94
C LEU A 82 9.73 -9.99 12.39
N ALA A 83 10.15 -10.05 11.13
CA ALA A 83 10.32 -11.32 10.45
C ALA A 83 11.79 -11.72 10.42
N PRO A 84 12.05 -13.00 10.12
CA PRO A 84 13.42 -13.42 9.89
C PRO A 84 14.06 -12.66 8.72
N PRO A 85 15.36 -12.40 8.82
CA PRO A 85 16.03 -11.54 7.83
C PRO A 85 16.10 -12.13 6.43
N GLU A 86 15.95 -13.44 6.31
CA GLU A 86 15.92 -14.07 4.99
C GLU A 86 14.62 -13.80 4.22
N VAL A 87 13.55 -13.37 4.90
CA VAL A 87 12.29 -13.06 4.20
C VAL A 87 12.42 -11.78 3.39
N ALA A 88 12.28 -11.88 2.07
CA ALA A 88 12.40 -10.72 1.19
C ALA A 88 11.03 -10.12 0.87
N VAL A 89 10.87 -8.82 1.07
CA VAL A 89 9.65 -8.14 0.65
C VAL A 89 9.96 -7.25 -0.57
N HIS A 90 9.17 -7.38 -1.64
CA HIS A 90 9.23 -6.44 -2.75
C HIS A 90 7.87 -5.80 -3.01
N LEU A 91 7.92 -4.61 -3.58
CA LEU A 91 6.75 -3.79 -3.84
C LEU A 91 6.50 -3.64 -5.32
N ASP A 92 5.31 -4.01 -5.77
CA ASP A 92 4.94 -3.73 -7.15
C ASP A 92 4.49 -2.26 -7.29
N TRP A 93 4.74 -1.70 -8.47
CA TRP A 93 4.34 -0.34 -8.76
C TRP A 93 2.83 -0.13 -8.52
N ASN A 94 2.06 -1.15 -8.86
CA ASN A 94 0.57 -1.12 -8.75
C ASN A 94 0.03 -1.38 -7.36
N GLY A 95 0.92 -1.59 -6.41
CA GLY A 95 0.51 -1.84 -5.04
C GLY A 95 0.55 -3.29 -4.58
N ALA A 96 0.69 -4.23 -5.49
CA ALA A 96 0.82 -5.62 -5.10
C ALA A 96 2.04 -5.86 -4.24
N LEU A 97 1.93 -6.81 -3.30
CA LEU A 97 3.06 -7.11 -2.44
C LEU A 97 3.65 -8.45 -2.85
N ARG A 98 4.95 -8.62 -2.69
CA ARG A 98 5.57 -9.91 -2.93
C ARG A 98 6.42 -10.29 -1.76
N ILE A 99 6.27 -11.54 -1.33
CA ILE A 99 7.07 -12.08 -0.24
C ILE A 99 7.80 -13.28 -0.79
N ASN A 100 9.12 -13.27 -0.64
CA ASN A 100 10.00 -14.27 -1.28
C ASN A 100 9.64 -14.51 -2.73
N GLY A 101 9.34 -13.43 -3.47
CA GLY A 101 9.06 -13.48 -4.89
C GLY A 101 7.63 -13.81 -5.29
N ALA A 102 6.80 -14.19 -4.32
CA ALA A 102 5.43 -14.60 -4.58
C ALA A 102 4.42 -13.55 -4.14
N ARG A 103 3.40 -13.38 -4.97
CA ARG A 103 2.31 -12.45 -4.71
C ARG A 103 1.63 -12.84 -3.42
N CYS A 104 1.50 -11.88 -2.51
CA CYS A 104 1.09 -12.15 -1.14
C CYS A 104 0.51 -10.84 -0.62
N GLY A 105 -0.70 -10.54 -1.06
CA GLY A 105 -1.39 -9.34 -0.61
C GLY A 105 -1.16 -8.13 -1.48
N ARG A 106 -1.70 -7.00 -1.04
CA ARG A 106 -1.62 -5.79 -1.84
C ARG A 106 -1.98 -4.60 -1.00
N LEU A 107 -1.45 -3.46 -1.43
CA LEU A 107 -1.89 -2.16 -0.98
C LEU A 107 -2.82 -1.55 -2.01
N ARG A 108 -3.92 -0.93 -1.56
CA ARG A 108 -4.87 -0.27 -2.43
C ARG A 108 -4.92 1.18 -2.06
N ILE A 109 -5.33 2.00 -3.01
CA ILE A 109 -5.45 3.44 -2.77
C ILE A 109 -6.73 3.99 -3.43
N ALA A 110 -7.40 4.90 -2.70
CA ALA A 110 -8.59 5.60 -3.19
C ALA A 110 -8.48 7.03 -2.77
N ALA A 111 -9.18 7.88 -3.50
CA ALA A 111 -9.25 9.27 -3.10
C ALA A 111 -10.58 9.93 -3.50
N SER A 112 -10.76 11.17 -3.03
CA SER A 112 -12.04 11.88 -3.09
C SER A 112 -12.28 12.40 -4.48
N THR A 113 -11.23 12.39 -5.29
CA THR A 113 -11.25 12.94 -6.65
C THR A 113 -10.42 12.03 -7.55
N ASP A 114 -10.67 12.12 -8.86
CA ASP A 114 -9.78 11.51 -9.84
C ASP A 114 -9.12 12.54 -10.79
N ASP A 115 -9.32 13.82 -10.53
CA ASP A 115 -8.62 14.86 -11.27
C ASP A 115 -7.21 15.04 -10.72
N PRO A 116 -6.17 14.75 -11.53
CA PRO A 116 -4.80 14.91 -11.07
C PRO A 116 -4.44 16.29 -10.54
N ASP A 117 -5.14 17.33 -11.01
CA ASP A 117 -4.86 18.70 -10.60
C ASP A 117 -5.54 19.16 -9.31
N THR A 118 -6.59 18.43 -8.87
CA THR A 118 -7.37 18.80 -7.71
C THR A 118 -6.75 18.25 -6.42
N GLN A 119 -6.73 19.04 -5.37
CA GLN A 119 -6.31 18.57 -4.06
C GLN A 119 -7.45 17.73 -3.49
N PRO A 120 -7.17 16.48 -3.11
CA PRO A 120 -8.29 15.69 -2.64
C PRO A 120 -8.72 16.05 -1.21
N ASP A 121 -9.98 15.86 -0.88
CA ASP A 121 -10.45 16.07 0.49
C ASP A 121 -9.94 14.95 1.37
N TRP A 122 -9.66 13.80 0.74
CA TRP A 122 -9.19 12.63 1.48
C TRP A 122 -8.54 11.63 0.55
N LEU A 123 -7.71 10.78 1.17
CA LEU A 123 -7.11 9.66 0.52
C LEU A 123 -7.07 8.51 1.52
N VAL A 124 -7.28 7.30 1.04
CA VAL A 124 -7.22 6.10 1.91
C VAL A 124 -6.27 5.10 1.29
N VAL A 125 -5.38 4.56 2.12
CA VAL A 125 -4.52 3.43 1.71
C VAL A 125 -4.91 2.20 2.48
N GLY A 126 -5.15 1.10 1.77
CA GLY A 126 -5.56 -0.13 2.41
C GLY A 126 -4.56 -1.24 2.22
N LEU A 127 -4.39 -2.06 3.25
CA LEU A 127 -3.55 -3.21 3.22
C LEU A 127 -4.44 -4.46 3.28
N ASP A 128 -4.21 -5.42 2.38
CA ASP A 128 -4.82 -6.74 2.49
C ASP A 128 -3.67 -7.76 2.49
N LEU A 129 -3.56 -8.57 3.53
CA LEU A 129 -2.48 -9.49 3.63
C LEU A 129 -2.99 -10.86 4.07
N PRO A 130 -2.84 -11.86 3.18
CA PRO A 130 -3.15 -13.22 3.60
C PRO A 130 -2.14 -13.79 4.57
N LEU A 131 -2.65 -14.43 5.62
CA LEU A 131 -1.79 -14.99 6.67
C LEU A 131 -1.65 -16.49 6.47
N TRP A 132 -2.76 -17.18 6.23
CA TRP A 132 -2.76 -18.56 5.77
C TRP A 132 -3.46 -18.63 4.41
N PRO A 133 -3.12 -19.61 3.58
CA PRO A 133 -3.77 -19.60 2.26
C PRO A 133 -5.25 -19.95 2.34
N GLU A 134 -6.09 -19.24 1.61
CA GLU A 134 -7.51 -19.60 1.51
C GLU A 134 -7.67 -20.66 0.42
N GLY A 135 -8.08 -21.87 0.81
CA GLY A 135 -8.18 -23.00 -0.12
C GLY A 135 -9.61 -23.40 -0.49
N ASP A 136 -10.53 -22.47 -0.25
CA ASP A 136 -11.97 -22.71 -0.46
C ASP A 136 -12.41 -22.69 -1.94
N GLY A 137 -11.53 -22.23 -2.82
CA GLY A 137 -11.83 -22.13 -4.24
C GLY A 137 -12.31 -20.75 -4.68
N GLY A 138 -12.22 -19.77 -3.79
CA GLY A 138 -12.45 -18.37 -4.16
C GLY A 138 -11.30 -17.86 -5.00
N GLU A 139 -11.63 -17.11 -6.06
CA GLU A 139 -10.63 -16.54 -6.98
C GLU A 139 -9.71 -15.55 -6.25
N THR A 140 -8.41 -15.73 -6.43
CA THR A 140 -7.40 -14.90 -5.77
C THR A 140 -6.16 -14.74 -6.64
N PRO A 141 -5.55 -13.53 -6.61
CA PRO A 141 -4.27 -13.36 -7.25
C PRO A 141 -3.11 -13.89 -6.39
N ASP A 142 -3.36 -14.19 -5.12
CA ASP A 142 -2.25 -14.52 -4.21
C ASP A 142 -1.65 -15.89 -4.49
N GLU A 143 -0.33 -15.98 -4.46
CA GLU A 143 0.41 -17.21 -4.67
C GLU A 143 0.92 -17.84 -3.38
N THR A 144 0.97 -17.07 -2.30
CA THR A 144 1.41 -17.58 -1.01
C THR A 144 0.66 -16.81 0.09
N ALA A 145 1.11 -17.00 1.31
CA ALA A 145 0.53 -16.32 2.46
C ALA A 145 1.67 -16.16 3.44
N LEU A 146 1.56 -15.16 4.32
CA LEU A 146 2.63 -14.78 5.21
C LEU A 146 3.19 -15.92 6.03
N TYR A 147 2.30 -16.71 6.63
CA TYR A 147 2.74 -17.75 7.55
C TYR A 147 3.23 -18.98 6.78
N ALA A 148 2.98 -18.99 5.48
CA ALA A 148 3.56 -20.00 4.60
C ALA A 148 5.02 -19.66 4.26
N GLU A 149 5.44 -18.42 4.51
CA GLU A 149 6.75 -17.92 4.05
C GLU A 149 7.76 -17.68 5.14
N GLY A 150 7.63 -18.40 6.25
CA GLY A 150 8.60 -18.33 7.33
C GLY A 150 8.37 -17.29 8.39
N CYS A 151 7.17 -16.71 8.45
CA CYS A 151 6.87 -15.60 9.35
C CYS A 151 5.92 -15.99 10.47
N ALA A 152 5.93 -17.27 10.83
CA ALA A 152 5.03 -17.78 11.85
C ALA A 152 5.19 -17.09 13.21
N ASP A 153 6.37 -16.53 13.51
CA ASP A 153 6.55 -15.81 14.77
C ASP A 153 6.12 -14.33 14.69
N VAL A 154 5.55 -13.90 13.56
CA VAL A 154 5.09 -12.53 13.42
C VAL A 154 3.61 -12.49 13.82
N ALA A 155 3.27 -11.76 14.87
CA ALA A 155 1.89 -11.65 15.32
C ALA A 155 1.18 -10.58 14.52
N ALA A 156 -0.07 -10.85 14.10
CA ALA A 156 -0.80 -9.92 13.23
C ALA A 156 -1.01 -8.58 13.91
N PRO A 157 -1.43 -8.61 15.19
CA PRO A 157 -1.58 -7.31 15.88
C PRO A 157 -0.29 -6.49 15.89
N ARG A 158 0.83 -7.12 16.16
CA ARG A 158 2.12 -6.40 16.21
C ARG A 158 2.52 -5.86 14.85
N LEU A 159 2.28 -6.64 13.81
CA LEU A 159 2.52 -6.20 12.42
C LEU A 159 1.67 -4.97 12.01
N LEU A 160 0.39 -5.02 12.36
CA LEU A 160 -0.49 -3.86 12.19
C LEU A 160 0.02 -2.60 12.88
N GLU A 161 0.38 -2.73 14.17
CA GLU A 161 0.92 -1.61 14.92
C GLU A 161 2.16 -1.07 14.26
N SER A 162 3.01 -1.99 13.81
CA SER A 162 4.29 -1.62 13.20
CA SER A 162 4.29 -1.60 13.21
C SER A 162 4.09 -0.94 11.85
N TRP A 163 3.12 -1.42 11.08
CA TRP A 163 2.84 -0.80 9.78
C TRP A 163 2.44 0.67 10.04
N ALA A 164 1.48 0.85 10.93
CA ALA A 164 1.03 2.20 11.26
C ALA A 164 2.18 3.13 11.67
N ARG A 165 3.04 2.66 12.57
CA ARG A 165 4.17 3.43 13.04
C ARG A 165 5.16 3.75 11.93
N HIS A 166 5.53 2.75 11.13
CA HIS A 166 6.46 3.06 10.05
C HIS A 166 5.86 3.92 8.91
N CYS A 167 4.58 3.73 8.57
CA CYS A 167 3.90 4.64 7.66
C CYS A 167 3.96 6.07 8.17
N LEU A 168 3.64 6.28 9.43
CA LEU A 168 3.67 7.62 9.96
C LEU A 168 5.08 8.22 9.87
N HIS A 169 6.12 7.44 10.16
CA HIS A 169 7.48 7.96 10.03
C HIS A 169 7.75 8.54 8.62
N TRP A 170 7.41 7.76 7.59
CA TRP A 170 7.68 8.14 6.19
C TRP A 170 6.73 9.26 5.70
N ILE A 171 5.49 9.26 6.21
CA ILE A 171 4.55 10.29 5.81
C ILE A 171 5.07 11.59 6.38
N ASN A 172 5.57 11.56 7.62
CA ASN A 172 6.14 12.81 8.19
C ASN A 172 7.36 13.29 7.40
N ARG A 173 8.20 12.37 6.95
CA ARG A 173 9.36 12.77 6.16
C ARG A 173 8.97 13.29 4.79
N TRP A 174 7.96 12.69 4.18
CA TRP A 174 7.44 13.18 2.94
C TRP A 174 6.95 14.63 3.11
N ASP A 175 6.22 14.87 4.19
CA ASP A 175 5.71 16.20 4.49
C ASP A 175 6.82 17.23 4.69
N GLU A 176 7.95 16.79 5.22
CA GLU A 176 9.09 17.67 5.44
C GLU A 176 9.94 17.82 4.17
N GLY A 177 9.47 17.28 3.05
CA GLY A 177 10.12 17.47 1.77
C GLY A 177 11.16 16.45 1.36
N GLU A 178 11.16 15.27 1.98
CA GLU A 178 12.16 14.26 1.69
C GLU A 178 11.74 13.26 0.63
N LEU A 179 11.04 13.72 -0.40
CA LEU A 179 10.59 12.88 -1.54
C LEU A 179 11.74 12.10 -2.18
N GLU A 180 12.88 12.75 -2.37
CA GLU A 180 14.03 12.12 -3.01
C GLU A 180 14.50 10.87 -2.27
N THR A 181 14.57 10.94 -0.95
CA THR A 181 14.97 9.79 -0.13
C THR A 181 13.93 8.66 -0.21
N ILE A 182 12.65 9.05 -0.20
CA ILE A 182 11.57 8.10 -0.37
C ILE A 182 11.70 7.38 -1.68
N HIS A 183 11.98 8.13 -2.74
CA HIS A 183 12.19 7.52 -4.05
C HIS A 183 13.27 6.44 -4.00
N GLY A 184 14.38 6.77 -3.35
CA GLY A 184 15.48 5.82 -3.23
C GLY A 184 15.12 4.59 -2.45
N GLU A 185 14.43 4.74 -1.32
CA GLU A 185 14.02 3.59 -0.53
C GLU A 185 13.12 2.69 -1.36
N TRP A 186 12.18 3.32 -2.08
CA TRP A 186 11.19 2.57 -2.87
C TRP A 186 11.84 1.85 -4.05
N ARG A 187 12.76 2.53 -4.74
CA ARG A 187 13.45 1.90 -5.86
C ARG A 187 14.17 0.62 -5.46
N GLY A 188 14.77 0.59 -4.28
CA GLY A 188 15.44 -0.61 -3.79
C GLY A 188 14.54 -1.80 -3.55
N LEU A 189 13.25 -1.53 -3.31
CA LEU A 189 12.25 -2.56 -3.05
C LEU A 189 11.38 -2.88 -4.25
N ALA A 190 11.52 -2.11 -5.32
CA ALA A 190 10.57 -2.22 -6.43
C ALA A 190 10.70 -3.61 -7.08
N HIS A 191 9.57 -4.24 -7.35
CA HIS A 191 9.55 -5.49 -8.05
C HIS A 191 9.64 -5.27 -9.55
N GLY A 192 10.61 -5.92 -10.19
CA GLY A 192 10.63 -6.04 -11.64
C GLY A 192 11.20 -4.85 -12.38
N MSE A 193 11.93 -4.01 -11.67
CA MSE A 193 12.47 -2.87 -12.37
C MSE A 193 13.63 -3.32 -13.25
O MSE A 193 14.44 -4.16 -12.88
CB MSE A 193 12.89 -1.76 -11.46
CG MSE A 193 12.61 -0.43 -12.18
SE MSE A 193 13.26 0.89 -11.17
CE MSE A 193 11.72 1.34 -10.29
N GLY A 194 13.64 -2.81 -14.46
CA GLY A 194 14.59 -3.23 -15.45
C GLY A 194 14.13 -4.43 -16.22
N GLU A 195 12.95 -4.97 -15.90
CA GLU A 195 12.44 -6.16 -16.56
C GLU A 195 11.18 -5.90 -17.41
N ALA A 196 10.79 -6.90 -18.20
CA ALA A 196 9.61 -6.81 -19.04
C ALA A 196 8.37 -6.61 -18.18
N ARG A 197 7.39 -5.90 -18.73
CA ARG A 197 6.19 -5.52 -17.98
C ARG A 197 5.08 -5.20 -18.94
N THR A 198 3.84 -5.59 -18.59
CA THR A 198 2.64 -5.14 -19.27
C THR A 198 1.84 -4.32 -18.28
N GLU A 199 1.34 -3.16 -18.70
CA GLU A 199 0.62 -2.27 -17.80
C GLU A 199 -0.29 -1.39 -18.63
N ALA A 200 -1.52 -1.20 -18.16
CA ALA A 200 -2.50 -0.36 -18.87
C ALA A 200 -2.55 -0.63 -20.38
N GLY A 201 -2.53 -1.92 -20.76
CA GLY A 201 -2.60 -2.29 -22.16
C GLY A 201 -1.37 -1.97 -23.00
N ARG A 202 -0.25 -1.66 -22.33
CA ARG A 202 1.01 -1.36 -23.01
CA ARG A 202 1.01 -1.36 -22.99
C ARG A 202 2.09 -2.31 -22.49
N SER A 203 3.07 -2.61 -23.33
CA SER A 203 4.14 -3.49 -22.92
C SER A 203 5.50 -2.90 -23.22
N GLY A 204 6.47 -3.32 -22.43
CA GLY A 204 7.81 -2.82 -22.56
C GLY A 204 8.64 -3.24 -21.39
N THR A 205 9.73 -2.52 -21.21
CA THR A 205 10.62 -2.66 -20.04
C THR A 205 10.28 -1.61 -18.98
N PHE A 206 10.16 -2.04 -17.74
CA PHE A 206 9.89 -1.12 -16.66
C PHE A 206 11.18 -0.44 -16.35
N LEU A 207 11.31 0.76 -16.89
CA LEU A 207 12.54 1.52 -16.85
C LEU A 207 12.78 2.16 -15.49
N GLY A 208 11.76 2.83 -14.98
CA GLY A 208 11.79 3.39 -13.63
C GLY A 208 10.55 4.22 -13.44
N VAL A 209 10.64 5.22 -12.56
CA VAL A 209 9.49 6.09 -12.33
C VAL A 209 9.89 7.56 -12.40
N ASP A 210 8.91 8.40 -12.73
CA ASP A 210 9.10 9.85 -12.67
C ASP A 210 8.90 10.36 -11.27
N GLU A 211 9.03 11.67 -11.07
CA GLU A 211 9.00 12.25 -9.73
C GLU A 211 7.66 12.03 -9.01
N ASP A 212 6.57 11.94 -9.78
CA ASP A 212 5.25 11.59 -9.25
C ASP A 212 4.95 10.08 -9.19
N PHE A 213 5.98 9.26 -9.34
CA PHE A 213 5.90 7.80 -9.30
C PHE A 213 5.12 7.21 -10.45
N GLY A 214 5.03 7.96 -11.55
CA GLY A 214 4.45 7.44 -12.81
C GLY A 214 5.42 6.47 -13.45
N MSE A 215 4.91 5.39 -14.00
CA MSE A 215 5.78 4.34 -14.56
C MSE A 215 6.28 4.78 -15.91
O MSE A 215 5.50 5.17 -16.77
CB MSE A 215 5.02 3.04 -14.76
CG MSE A 215 5.80 1.94 -15.43
SE MSE A 215 4.85 0.31 -15.66
CE MSE A 215 4.98 -0.26 -13.74
N LEU A 216 7.58 4.63 -16.09
CA LEU A 216 8.22 4.78 -17.38
C LEU A 216 8.35 3.39 -17.99
N LEU A 217 7.61 3.15 -19.06
CA LEU A 217 7.55 1.85 -19.73
C LEU A 217 8.07 2.02 -21.15
N ARG A 218 9.24 1.45 -21.40
CA ARG A 218 9.92 1.62 -22.69
C ARG A 218 9.68 0.43 -23.61
N ASP A 219 8.98 0.67 -24.71
CA ASP A 219 8.85 -0.39 -25.72
C ASP A 219 9.88 -0.10 -26.85
N GLU A 220 9.70 -0.71 -28.01
CA GLU A 220 10.76 -0.73 -29.01
C GLU A 220 11.00 0.68 -29.56
N THR A 221 9.96 1.50 -29.59
CA THR A 221 10.01 2.81 -30.27
C THR A 221 9.68 4.01 -29.44
N THR A 222 9.22 3.83 -28.21
CA THR A 222 8.73 4.94 -27.42
C THR A 222 8.80 4.62 -25.95
N THR A 223 8.67 5.64 -25.13
CA THR A 223 8.51 5.46 -23.68
C THR A 223 7.14 5.96 -23.29
N HIS A 224 6.37 5.08 -22.65
CA HIS A 224 5.04 5.43 -22.16
C HIS A 224 5.20 5.95 -20.75
N LEU A 225 4.42 6.96 -20.41
CA LEU A 225 4.27 7.38 -19.00
C LEU A 225 2.88 6.95 -18.51
N ILE A 226 2.86 6.09 -17.51
CA ILE A 226 1.61 5.63 -16.91
CA ILE A 226 1.62 5.63 -16.91
C ILE A 226 1.53 6.29 -15.55
N PRO A 227 0.64 7.30 -15.41
CA PRO A 227 0.60 7.97 -14.13
C PRO A 227 0.04 7.01 -13.03
N LEU A 228 0.49 7.19 -11.80
CA LEU A 228 0.09 6.34 -10.70
C LEU A 228 -1.41 6.48 -10.37
N THR A 229 -2.00 7.62 -10.75
CA THR A 229 -3.47 7.81 -10.68
C THR A 229 -4.29 6.70 -11.34
N THR A 230 -3.71 5.99 -12.31
CA THR A 230 -4.36 4.87 -12.96
C THR A 230 -4.70 3.68 -12.04
N VAL A 231 -4.06 3.59 -10.88
CA VAL A 231 -4.31 2.47 -9.96
C VAL A 231 -5.35 2.82 -8.90
N LEU A 232 -5.85 4.04 -8.91
CA LEU A 232 -6.93 4.43 -8.02
C LEU A 232 -8.13 3.52 -8.15
N VAL A 233 -8.62 3.05 -7.02
CA VAL A 233 -9.79 2.19 -6.98
C VAL A 233 -11.01 3.04 -7.32
N GLN A 234 -11.75 2.63 -8.33
CA GLN A 234 -12.87 3.41 -8.87
C GLN A 234 -14.15 3.03 -8.17
CA CA B . -15.71 -7.55 7.44
CA CA C . -7.61 12.31 13.59
O1 2PE D . -13.03 -0.56 17.47
C2 2PE D . -12.13 -0.44 18.58
C3 2PE D . -11.32 -1.73 18.75
O4 2PE D . -12.18 -2.86 18.97
C5 2PE D . -11.50 -4.12 18.90
C6 2PE D . -12.46 -5.30 19.13
O7 2PE D . -12.60 -6.09 17.94
C8 2PE D . -13.93 -6.54 17.59
C9 2PE D . -14.86 -5.34 17.44
O10 2PE D . -15.84 -5.49 16.41
C11 2PE D . -16.48 -4.24 16.12
C12 2PE D . -17.47 -3.87 17.21
#